data_9B1G
#
_entry.id   9B1G
#
_cell.length_a   1.00
_cell.length_b   1.00
_cell.length_c   1.00
_cell.angle_alpha   90.00
_cell.angle_beta   90.00
_cell.angle_gamma   90.00
#
_symmetry.space_group_name_H-M   'P 1'
#
loop_
_entity.id
_entity.type
_entity.pdbx_description
1 polymer 'Solute carrier family 22 member 12'
2 non-polymer 2-acetamido-2-deoxy-beta-D-glucopyranose
3 non-polymer dotinurad
#
_entity_poly.entity_id   1
_entity_poly.type   'polypeptide(L)'
_entity_poly.pdbx_seq_one_letter_code
;FSELLDLVGGLGRFQVLQTMALMVSIMWLCTQSMLENFSAAVPSHRCWAPLLDNSTAVSTSLSPEALLAISIPPGPNQRP
HQCRRFRQPQWQLLDPNATATSWSEADTEPCVDGWVYDRSIFTSTIVAKWNLVCDSHALKPMAQSIYLAGILVGAAACGP
ASDRFGRRLVLTWSYLQMAVMGTAAAFAPAFPVYCLFRFLLAFAVAGVMMNTGTLLMEWTAARARPLVMTLNSLGFSFGH
GLTAAVAYGVRDWTLLQLVVSVPFFLCFLYSWWLPESARWLIIKGKPDQALQELRKVARINGHKEAKNLTIEVLMSSVKE
EVASAKEPRSVLDLFCVPGLRFRTCISTLCWFAFGFTFFGLALDLQALGSNIFLLQMFIGVVDIPAKMGALLLLSHLGRR
PTLAASLLLAGLCILANTLVPHEMGALRSALAVLGLGGVGAAFTCITIYSSELFPTVLRMTAVGLGQMAARGGAILGPLV
RLLGVHGPWLPLLVYGTVPVLSGLAALLLPETQSLPLPDTIQDVQNQAVKKATHGTLGNSVLKSTQF
;
_entity_poly.pdbx_strand_id   A
#
# COMPACT_ATOMS: atom_id res chain seq x y z
N PHE A 1 1.54 32.97 10.52
CA PHE A 1 2.33 31.94 11.18
C PHE A 1 3.60 31.64 10.40
N SER A 2 3.60 31.94 9.10
CA SER A 2 4.81 31.77 8.31
C SER A 2 5.90 32.72 8.77
N GLU A 3 5.54 33.88 9.32
CA GLU A 3 6.54 34.77 9.88
C GLU A 3 7.15 34.19 11.14
N LEU A 4 6.34 33.52 11.96
CA LEU A 4 6.89 32.81 13.11
C LEU A 4 7.84 31.70 12.67
N LEU A 5 7.48 30.98 11.62
CA LEU A 5 8.38 29.96 11.08
C LEU A 5 9.69 30.58 10.60
N ASP A 6 9.61 31.72 9.91
CA ASP A 6 10.82 32.37 9.45
C ASP A 6 11.70 32.80 10.62
N LEU A 7 11.07 33.35 11.67
CA LEU A 7 11.81 33.66 12.89
C LEU A 7 12.43 32.41 13.49
N VAL A 8 11.81 31.26 13.29
CA VAL A 8 12.33 29.98 13.77
C VAL A 8 13.15 29.25 12.71
N GLY A 9 12.96 29.57 11.43
CA GLY A 9 13.63 28.85 10.36
C GLY A 9 12.69 27.98 9.56
N GLY A 10 12.37 28.40 8.33
CA GLY A 10 11.40 27.68 7.54
C GLY A 10 11.91 26.39 6.92
N LEU A 11 13.22 26.30 6.68
CA LEU A 11 13.80 25.08 6.14
C LEU A 11 15.26 25.05 6.57
N GLY A 12 15.56 24.24 7.58
CA GLY A 12 16.90 24.19 8.13
C GLY A 12 17.30 22.81 8.61
N ARG A 13 18.22 22.78 9.59
CA ARG A 13 18.69 21.51 10.12
C ARG A 13 17.54 20.68 10.70
N PHE A 14 16.66 21.34 11.47
CA PHE A 14 15.58 20.62 12.13
C PHE A 14 14.67 19.93 11.11
N GLN A 15 14.26 20.66 10.07
CA GLN A 15 13.36 20.07 9.10
C GLN A 15 14.01 18.90 8.37
N VAL A 16 15.29 19.03 8.04
CA VAL A 16 16.01 17.95 7.37
C VAL A 16 16.01 16.69 8.24
N LEU A 17 16.40 16.85 9.51
CA LEU A 17 16.47 15.70 10.40
C LEU A 17 15.10 15.07 10.60
N GLN A 18 14.07 15.91 10.80
CA GLN A 18 12.71 15.41 10.99
C GLN A 18 12.24 14.64 9.76
N THR A 19 12.50 15.17 8.57
CA THR A 19 12.09 14.51 7.34
C THR A 19 12.74 13.15 7.20
N MET A 20 14.05 13.07 7.48
CA MET A 20 14.72 11.78 7.42
C MET A 20 14.12 10.79 8.42
N ALA A 21 13.91 11.24 9.65
CA ALA A 21 13.36 10.36 10.68
C ALA A 21 12.01 9.80 10.26
N LEU A 22 11.13 10.66 9.73
CA LEU A 22 9.81 10.19 9.34
C LEU A 22 9.87 9.31 8.09
N MET A 23 10.79 9.61 7.17
CA MET A 23 10.93 8.81 5.96
C MET A 23 11.31 7.37 6.29
N VAL A 24 12.18 7.18 7.28
CA VAL A 24 12.54 5.80 7.67
C VAL A 24 11.31 5.02 8.13
N SER A 25 10.50 5.64 9.00
CA SER A 25 9.29 4.97 9.47
C SER A 25 8.33 4.72 8.33
N ILE A 26 8.28 5.61 7.34
CA ILE A 26 7.44 5.36 6.17
C ILE A 26 7.96 4.19 5.37
N MET A 27 9.27 4.01 5.29
CA MET A 27 9.83 2.83 4.62
C MET A 27 9.31 1.55 5.27
N TRP A 28 9.41 1.48 6.60
CA TRP A 28 8.95 0.26 7.28
C TRP A 28 7.43 0.10 7.18
N LEU A 29 6.69 1.20 7.23
CA LEU A 29 5.25 1.15 7.04
C LEU A 29 4.91 0.60 5.65
N CYS A 30 5.68 0.99 4.63
CA CYS A 30 5.49 0.42 3.31
C CYS A 30 5.75 -1.09 3.32
N THR A 31 6.82 -1.51 3.99
CA THR A 31 7.10 -2.94 4.05
C THR A 31 5.94 -3.71 4.65
N GLN A 32 5.26 -3.12 5.64
CA GLN A 32 4.13 -3.80 6.26
C GLN A 32 3.03 -4.13 5.27
N SER A 33 2.73 -3.23 4.35
CA SER A 33 1.64 -3.46 3.38
C SER A 33 2.06 -4.45 2.30
N MET A 34 3.27 -4.31 1.76
CA MET A 34 3.77 -5.16 0.69
C MET A 34 4.16 -6.55 1.17
N LEU A 35 4.12 -6.81 2.48
CA LEU A 35 4.66 -8.06 3.01
C LEU A 35 3.90 -9.27 2.47
N GLU A 36 2.59 -9.16 2.29
CA GLU A 36 1.76 -10.32 1.96
C GLU A 36 2.00 -10.84 0.55
N ASN A 37 2.78 -10.14 -0.28
CA ASN A 37 3.27 -10.77 -1.50
C ASN A 37 4.14 -11.98 -1.16
N PHE A 38 4.94 -11.87 -0.10
CA PHE A 38 5.83 -12.94 0.36
C PHE A 38 5.27 -13.72 1.53
N SER A 39 4.66 -13.05 2.51
CA SER A 39 4.12 -13.77 3.67
C SER A 39 2.99 -14.69 3.27
N ALA A 40 2.19 -14.29 2.27
CA ALA A 40 1.07 -15.06 1.79
C ALA A 40 1.28 -15.55 0.35
N ALA A 41 2.53 -15.85 -0.01
CA ALA A 41 2.80 -16.42 -1.32
C ALA A 41 2.14 -17.78 -1.45
N VAL A 42 1.62 -18.07 -2.64
CA VAL A 42 0.99 -19.35 -2.94
C VAL A 42 2.06 -20.27 -3.56
N PRO A 43 2.53 -21.29 -2.87
CA PRO A 43 3.41 -22.26 -3.52
C PRO A 43 2.61 -23.30 -4.30
N SER A 44 3.32 -23.99 -5.19
CA SER A 44 2.70 -25.10 -5.90
C SER A 44 2.33 -26.19 -4.91
N HIS A 45 1.13 -26.75 -5.08
CA HIS A 45 0.58 -27.70 -4.12
C HIS A 45 -0.18 -28.79 -4.84
N ARG A 46 -0.35 -29.92 -4.15
CA ARG A 46 -1.07 -31.06 -4.67
C ARG A 46 -1.58 -31.89 -3.49
N CYS A 47 -2.53 -32.77 -3.76
CA CYS A 47 -3.06 -33.62 -2.70
C CYS A 47 -1.96 -34.52 -2.14
N TRP A 48 -2.04 -34.77 -0.84
CA TRP A 48 -1.24 -35.83 -0.23
C TRP A 48 -1.78 -37.19 -0.68
N ALA A 49 -0.89 -38.09 -1.05
CA ALA A 49 -1.28 -39.41 -1.50
C ALA A 49 -0.31 -40.45 -0.96
N PRO A 50 -0.75 -41.70 -0.78
CA PRO A 50 0.15 -42.71 -0.19
C PRO A 50 1.41 -42.98 -1.01
N LEU A 51 1.26 -43.31 -2.29
CA LEU A 51 2.42 -43.72 -3.08
C LEU A 51 3.44 -42.60 -3.20
N LEU A 52 3.01 -41.34 -3.13
CA LEU A 52 3.92 -40.22 -3.28
C LEU A 52 4.53 -39.77 -1.96
N ASP A 53 3.74 -39.74 -0.89
CA ASP A 53 4.09 -38.99 0.30
C ASP A 53 4.29 -39.82 1.56
N ASN A 54 3.76 -41.04 1.63
CA ASN A 54 4.02 -41.92 2.77
C ASN A 54 5.35 -42.62 2.50
N SER A 55 6.43 -41.99 2.97
CA SER A 55 7.78 -42.50 2.69
C SER A 55 8.03 -43.87 3.29
N THR A 56 7.22 -44.29 4.27
CA THR A 56 7.37 -45.60 4.89
C THR A 56 6.73 -46.71 4.09
N ALA A 57 6.00 -46.39 3.02
CA ALA A 57 5.33 -47.39 2.22
C ALA A 57 6.34 -48.22 1.43
N VAL A 58 5.84 -49.30 0.83
CA VAL A 58 6.70 -50.21 0.09
C VAL A 58 7.29 -49.50 -1.12
N SER A 59 8.60 -49.64 -1.30
CA SER A 59 9.29 -48.99 -2.40
C SER A 59 9.05 -49.72 -3.71
N THR A 60 9.39 -49.05 -4.81
CA THR A 60 9.24 -49.60 -6.14
C THR A 60 10.41 -49.15 -7.01
N SER A 61 10.48 -49.71 -8.22
CA SER A 61 11.48 -49.30 -9.19
C SER A 61 11.05 -48.06 -9.98
N LEU A 62 9.81 -47.59 -9.81
CA LEU A 62 9.32 -46.46 -10.59
C LEU A 62 9.93 -45.16 -10.12
N SER A 63 10.02 -44.21 -11.05
CA SER A 63 10.57 -42.90 -10.77
C SER A 63 9.49 -41.98 -10.19
N PRO A 64 9.90 -40.89 -9.56
CA PRO A 64 8.90 -39.97 -8.96
C PRO A 64 7.87 -39.45 -9.95
N GLU A 65 8.26 -39.19 -11.19
CA GLU A 65 7.30 -38.66 -12.16
C GLU A 65 6.25 -39.70 -12.50
N ALA A 66 6.64 -40.97 -12.60
CA ALA A 66 5.67 -42.02 -12.87
C ALA A 66 4.69 -42.18 -11.72
N LEU A 67 5.17 -42.07 -10.47
CA LEU A 67 4.26 -42.12 -9.34
C LEU A 67 3.33 -40.91 -9.31
N LEU A 68 3.85 -39.75 -9.69
CA LEU A 68 2.99 -38.56 -9.76
C LEU A 68 1.89 -38.74 -10.79
N ALA A 69 2.24 -39.30 -11.95
CA ALA A 69 1.24 -39.61 -12.96
C ALA A 69 0.25 -40.68 -12.49
N ILE A 70 0.73 -41.65 -11.70
CA ILE A 70 -0.13 -42.72 -11.21
C ILE A 70 -1.09 -42.22 -10.14
N SER A 71 -0.74 -41.14 -9.44
CA SER A 71 -1.50 -40.69 -8.29
C SER A 71 -2.38 -39.48 -8.54
N ILE A 72 -2.03 -38.60 -9.46
CA ILE A 72 -2.74 -37.33 -9.59
C ILE A 72 -3.13 -37.04 -11.03
N PRO A 73 -4.38 -36.68 -11.31
CA PRO A 73 -4.80 -36.42 -12.69
C PRO A 73 -4.28 -35.09 -13.20
N PRO A 74 -4.20 -34.92 -14.53
CA PRO A 74 -3.84 -33.60 -15.08
C PRO A 74 -4.99 -32.62 -14.93
N GLY A 75 -4.67 -31.42 -14.44
CA GLY A 75 -5.69 -30.46 -14.09
C GLY A 75 -6.06 -29.49 -15.20
N PRO A 76 -6.93 -28.53 -14.87
CA PRO A 76 -7.40 -27.57 -15.88
C PRO A 76 -6.26 -26.78 -16.53
N ASN A 77 -5.20 -26.48 -15.79
CA ASN A 77 -4.10 -25.68 -16.31
C ASN A 77 -3.14 -26.49 -17.18
N GLN A 78 -3.56 -27.68 -17.63
CA GLN A 78 -2.68 -28.55 -18.41
C GLN A 78 -1.44 -28.92 -17.61
N ARG A 79 -1.58 -28.92 -16.29
CA ARG A 79 -0.53 -29.22 -15.34
C ARG A 79 -1.15 -30.02 -14.21
N PRO A 80 -0.34 -30.69 -13.40
CA PRO A 80 -0.89 -31.59 -12.37
C PRO A 80 -1.96 -30.92 -11.54
N HIS A 81 -3.05 -31.65 -11.30
CA HIS A 81 -4.19 -31.09 -10.59
C HIS A 81 -3.80 -30.75 -9.15
N GLN A 82 -4.33 -29.64 -8.65
CA GLN A 82 -3.99 -29.13 -7.33
C GLN A 82 -5.01 -29.47 -6.26
N CYS A 83 -6.19 -29.97 -6.64
CA CYS A 83 -7.27 -30.19 -5.69
C CYS A 83 -7.93 -31.56 -5.80
N ARG A 84 -7.52 -32.42 -6.74
CA ARG A 84 -8.10 -33.74 -6.90
C ARG A 84 -6.99 -34.77 -7.02
N ARG A 85 -7.28 -35.98 -6.52
CA ARG A 85 -6.37 -37.09 -6.60
C ARG A 85 -7.14 -38.34 -7.03
N PHE A 86 -6.42 -39.31 -7.56
CA PHE A 86 -7.05 -40.56 -7.95
C PHE A 86 -7.43 -41.38 -6.73
N ARG A 87 -8.67 -41.88 -6.73
CA ARG A 87 -9.16 -42.65 -5.59
C ARG A 87 -8.36 -43.92 -5.40
N GLN A 88 -8.07 -44.63 -6.49
CA GLN A 88 -7.19 -45.78 -6.47
C GLN A 88 -6.02 -45.54 -7.41
N PRO A 89 -4.82 -46.02 -7.08
CA PRO A 89 -3.67 -45.81 -7.96
C PRO A 89 -3.97 -46.30 -9.38
N GLN A 90 -3.72 -45.43 -10.36
CA GLN A 90 -4.00 -45.76 -11.76
C GLN A 90 -2.76 -46.40 -12.39
N TRP A 91 -2.59 -47.70 -12.11
CA TRP A 91 -1.53 -48.45 -12.75
C TRP A 91 -1.70 -48.51 -14.26
N GLN A 92 -2.94 -48.43 -14.73
CA GLN A 92 -3.22 -48.54 -16.16
C GLN A 92 -2.62 -47.39 -16.96
N LEU A 93 -2.32 -46.27 -16.31
CA LEU A 93 -1.91 -45.06 -16.99
C LEU A 93 -0.40 -44.99 -17.21
N LEU A 94 0.34 -46.03 -16.83
CA LEU A 94 1.79 -45.99 -16.87
C LEU A 94 2.35 -46.26 -18.27
N ASP A 95 1.66 -47.08 -19.06
CA ASP A 95 2.14 -47.41 -20.39
C ASP A 95 1.93 -46.23 -21.36
N PRO A 96 2.80 -46.11 -22.38
CA PRO A 96 2.60 -45.04 -23.37
C PRO A 96 1.36 -45.23 -24.24
N ASN A 97 0.77 -46.42 -24.28
CA ASN A 97 -0.43 -46.67 -25.06
C ASN A 97 -1.70 -46.14 -24.40
N ALA A 98 -1.63 -45.74 -23.13
CA ALA A 98 -2.82 -45.31 -22.42
C ALA A 98 -3.34 -43.99 -22.96
N THR A 99 -4.62 -43.72 -22.71
CA THR A 99 -5.28 -42.51 -23.15
C THR A 99 -6.15 -41.98 -22.02
N ALA A 100 -6.40 -40.66 -22.04
CA ALA A 100 -7.15 -40.02 -20.97
C ALA A 100 -8.59 -40.52 -20.86
N THR A 101 -9.10 -41.19 -21.90
CA THR A 101 -10.46 -41.72 -21.84
C THR A 101 -10.61 -42.84 -20.82
N SER A 102 -9.49 -43.36 -20.29
CA SER A 102 -9.49 -44.53 -19.42
C SER A 102 -9.92 -44.24 -17.99
N TRP A 103 -10.08 -42.98 -17.60
CA TRP A 103 -10.50 -42.64 -16.24
C TRP A 103 -11.54 -41.52 -16.29
N SER A 104 -12.30 -41.42 -15.20
CA SER A 104 -13.43 -40.51 -15.12
C SER A 104 -13.43 -39.82 -13.76
N GLU A 105 -14.37 -38.88 -13.59
CA GLU A 105 -14.50 -38.18 -12.31
C GLU A 105 -14.82 -39.14 -11.18
N ALA A 106 -15.43 -40.29 -11.48
CA ALA A 106 -15.70 -41.27 -10.43
C ALA A 106 -14.42 -41.74 -9.78
N ASP A 107 -13.32 -41.76 -10.52
CA ASP A 107 -12.03 -42.20 -10.02
C ASP A 107 -11.32 -41.14 -9.17
N THR A 108 -11.75 -39.88 -9.26
CA THR A 108 -11.11 -38.79 -8.52
C THR A 108 -11.80 -38.56 -7.19
N GLU A 109 -11.10 -37.86 -6.30
CA GLU A 109 -11.65 -37.44 -5.02
C GLU A 109 -10.89 -36.20 -4.57
N PRO A 110 -11.50 -35.37 -3.72
CA PRO A 110 -10.78 -34.22 -3.16
C PRO A 110 -9.65 -34.68 -2.23
N CYS A 111 -8.80 -33.73 -1.86
CA CYS A 111 -7.66 -34.03 -0.98
C CYS A 111 -8.18 -34.31 0.42
N VAL A 112 -8.57 -35.57 0.66
CA VAL A 112 -9.02 -35.97 1.99
C VAL A 112 -7.90 -35.78 3.01
N ASP A 113 -6.67 -36.15 2.63
CA ASP A 113 -5.54 -36.13 3.54
C ASP A 113 -4.78 -34.81 3.54
N GLY A 114 -5.25 -33.80 2.82
CA GLY A 114 -4.60 -32.50 2.79
C GLY A 114 -3.70 -32.32 1.59
N TRP A 115 -2.82 -31.32 1.69
CA TRP A 115 -1.99 -30.87 0.58
C TRP A 115 -0.52 -30.98 0.93
N VAL A 116 0.30 -31.14 -0.12
CA VAL A 116 1.74 -31.07 -0.03
C VAL A 116 2.19 -29.84 -0.78
N TYR A 117 3.05 -29.02 -0.15
CA TYR A 117 3.43 -27.73 -0.68
C TYR A 117 4.91 -27.74 -1.09
N ASP A 118 5.22 -26.93 -2.09
CA ASP A 118 6.59 -26.75 -2.55
C ASP A 118 7.33 -25.81 -1.61
N ARG A 119 8.44 -26.29 -1.06
CA ARG A 119 9.23 -25.54 -0.08
C ARG A 119 10.49 -24.92 -0.67
N SER A 120 10.67 -24.98 -1.99
CA SER A 120 11.94 -24.54 -2.58
C SER A 120 12.14 -23.04 -2.41
N ILE A 121 11.14 -22.23 -2.73
CA ILE A 121 11.27 -20.78 -2.67
C ILE A 121 11.03 -20.26 -1.25
N PHE A 122 9.90 -20.63 -0.65
CA PHE A 122 9.51 -20.18 0.68
C PHE A 122 9.45 -21.36 1.63
N THR A 123 10.10 -21.23 2.79
CA THR A 123 10.06 -22.29 3.78
C THR A 123 8.65 -22.48 4.33
N SER A 124 7.94 -21.38 4.59
CA SER A 124 6.59 -21.43 5.12
C SER A 124 5.85 -20.17 4.71
N THR A 125 4.54 -20.31 4.52
CA THR A 125 3.68 -19.18 4.19
C THR A 125 2.33 -19.37 4.88
N ILE A 126 1.56 -18.28 4.91
CA ILE A 126 0.21 -18.33 5.47
C ILE A 126 -0.66 -19.32 4.71
N VAL A 127 -0.58 -19.30 3.38
CA VAL A 127 -1.41 -20.17 2.55
C VAL A 127 -1.15 -21.63 2.90
N ALA A 128 0.12 -22.00 3.06
CA ALA A 128 0.45 -23.37 3.43
C ALA A 128 0.01 -23.68 4.86
N LYS A 129 0.14 -22.72 5.78
CA LYS A 129 -0.19 -22.99 7.17
C LYS A 129 -1.67 -23.29 7.33
N TRP A 130 -2.53 -22.43 6.77
CA TRP A 130 -3.97 -22.57 6.97
C TRP A 130 -4.70 -23.08 5.74
N ASN A 131 -3.98 -23.63 4.77
CA ASN A 131 -4.58 -24.30 3.62
C ASN A 131 -5.60 -23.39 2.92
N LEU A 132 -5.14 -22.18 2.61
CA LEU A 132 -6.00 -21.22 1.91
C LEU A 132 -5.99 -21.53 0.42
N VAL A 133 -6.38 -22.75 0.06
CA VAL A 133 -6.27 -23.26 -1.31
C VAL A 133 -7.57 -23.95 -1.68
N CYS A 134 -7.75 -24.13 -2.99
CA CYS A 134 -8.90 -24.84 -3.55
C CYS A 134 -10.22 -24.18 -3.19
N ASP A 135 -11.02 -24.81 -2.33
CA ASP A 135 -12.32 -24.24 -1.97
C ASP A 135 -12.16 -23.01 -1.10
N SER A 136 -11.07 -22.91 -0.35
CA SER A 136 -10.78 -21.75 0.49
C SER A 136 -9.87 -20.74 -0.18
N HIS A 137 -9.69 -20.82 -1.51
CA HIS A 137 -8.73 -19.96 -2.18
C HIS A 137 -9.08 -18.48 -2.05
N ALA A 138 -10.36 -18.17 -1.85
CA ALA A 138 -10.81 -16.79 -1.74
C ALA A 138 -10.36 -16.11 -0.46
N LEU A 139 -9.82 -16.86 0.51
CA LEU A 139 -9.56 -16.29 1.83
C LEU A 139 -8.34 -15.36 1.84
N LYS A 140 -7.40 -15.54 0.93
CA LYS A 140 -6.27 -14.62 0.85
C LYS A 140 -6.69 -13.21 0.45
N PRO A 141 -7.37 -13.00 -0.69
CA PRO A 141 -7.84 -11.64 -1.01
C PRO A 141 -8.78 -11.09 0.04
N MET A 142 -9.55 -11.94 0.72
CA MET A 142 -10.38 -11.47 1.82
C MET A 142 -9.53 -10.90 2.95
N ALA A 143 -8.43 -11.57 3.28
CA ALA A 143 -7.54 -11.04 4.31
C ALA A 143 -6.94 -9.70 3.90
N GLN A 144 -6.52 -9.58 2.63
CA GLN A 144 -5.96 -8.31 2.20
C GLN A 144 -7.02 -7.21 2.21
N SER A 145 -8.25 -7.54 1.81
CA SER A 145 -9.35 -6.58 1.88
C SER A 145 -9.63 -6.16 3.31
N ILE A 146 -9.52 -7.08 4.26
CA ILE A 146 -9.72 -6.74 5.67
C ILE A 146 -8.63 -5.80 6.14
N TYR A 147 -7.39 -6.02 5.71
CA TYR A 147 -6.31 -5.10 6.07
C TYR A 147 -6.59 -3.70 5.54
N LEU A 148 -7.03 -3.60 4.28
CA LEU A 148 -7.30 -2.29 3.70
C LEU A 148 -8.53 -1.64 4.32
N ALA A 149 -9.54 -2.42 4.70
CA ALA A 149 -10.67 -1.88 5.44
C ALA A 149 -10.23 -1.37 6.81
N GLY A 150 -9.26 -2.05 7.43
CA GLY A 150 -8.68 -1.52 8.64
C GLY A 150 -8.05 -0.16 8.40
N ILE A 151 -7.36 0.01 7.27
CA ILE A 151 -6.81 1.32 6.95
C ILE A 151 -7.91 2.36 6.82
N LEU A 152 -9.00 2.01 6.14
CA LEU A 152 -10.09 2.96 5.95
C LEU A 152 -10.67 3.41 7.29
N VAL A 153 -10.96 2.44 8.17
CA VAL A 153 -11.52 2.78 9.47
C VAL A 153 -10.53 3.58 10.31
N GLY A 154 -9.24 3.23 10.23
CA GLY A 154 -8.23 3.98 10.95
C GLY A 154 -8.16 5.42 10.50
N ALA A 155 -8.27 5.66 9.18
CA ALA A 155 -8.33 7.02 8.67
C ALA A 155 -9.56 7.75 9.17
N ALA A 156 -10.70 7.06 9.25
CA ALA A 156 -11.90 7.68 9.79
C ALA A 156 -11.70 8.11 11.24
N ALA A 157 -11.06 7.26 12.04
CA ALA A 157 -10.86 7.55 13.47
C ALA A 157 -9.73 8.56 13.73
N CYS A 158 -8.73 8.61 12.86
CA CYS A 158 -7.53 9.41 13.14
C CYS A 158 -7.83 10.91 13.23
N GLY A 159 -8.69 11.42 12.35
CA GLY A 159 -8.94 12.85 12.28
C GLY A 159 -9.40 13.45 13.59
N PRO A 160 -10.57 13.03 14.08
CA PRO A 160 -11.05 13.55 15.36
C PRO A 160 -10.09 13.30 16.51
N ALA A 161 -9.47 12.12 16.54
CA ALA A 161 -8.51 11.82 17.61
C ALA A 161 -7.28 12.71 17.49
N SER A 162 -6.80 12.93 16.28
CA SER A 162 -5.65 13.82 16.09
C SER A 162 -5.98 15.23 16.55
N ASP A 163 -7.16 15.73 16.19
CA ASP A 163 -7.54 17.09 16.58
C ASP A 163 -7.74 17.21 18.09
N ARG A 164 -8.32 16.19 18.73
CA ARG A 164 -8.56 16.26 20.16
C ARG A 164 -7.28 16.10 20.97
N PHE A 165 -6.38 15.21 20.55
CA PHE A 165 -5.22 14.85 21.34
C PHE A 165 -3.90 15.39 20.80
N GLY A 166 -3.80 15.63 19.49
CA GLY A 166 -2.57 16.14 18.92
C GLY A 166 -1.97 15.22 17.87
N ARG A 167 -1.11 15.81 17.02
CA ARG A 167 -0.49 15.05 15.94
C ARG A 167 0.55 14.07 16.49
N ARG A 168 1.48 14.58 17.30
CA ARG A 168 2.60 13.76 17.74
C ARG A 168 2.15 12.65 18.68
N LEU A 169 1.21 12.93 19.58
CA LEU A 169 0.76 11.92 20.52
C LEU A 169 0.12 10.74 19.78
N VAL A 170 -0.75 11.04 18.82
CA VAL A 170 -1.39 9.99 18.04
C VAL A 170 -0.37 9.26 17.20
N LEU A 171 0.63 9.97 16.67
CA LEU A 171 1.69 9.31 15.93
C LEU A 171 2.46 8.33 16.82
N THR A 172 2.76 8.75 18.04
CA THR A 172 3.47 7.89 19.00
C THR A 172 2.68 6.61 19.27
N TRP A 173 1.40 6.76 19.62
CA TRP A 173 0.62 5.58 19.96
C TRP A 173 0.33 4.73 18.73
N SER A 174 0.29 5.34 17.54
CA SER A 174 0.19 4.57 16.31
C SER A 174 1.42 3.71 16.10
N TYR A 175 2.61 4.28 16.35
CA TYR A 175 3.84 3.50 16.29
C TYR A 175 3.77 2.31 17.24
N LEU A 176 3.41 2.57 18.49
CA LEU A 176 3.34 1.49 19.48
C LEU A 176 2.35 0.41 19.04
N GLN A 177 1.17 0.83 18.58
CA GLN A 177 0.16 -0.12 18.16
C GLN A 177 0.64 -0.95 16.97
N MET A 178 1.32 -0.31 16.02
CA MET A 178 1.86 -1.05 14.89
C MET A 178 2.82 -2.11 15.35
N ALA A 179 3.75 -1.75 16.24
CA ALA A 179 4.70 -2.74 16.73
C ALA A 179 4.00 -3.91 17.41
N VAL A 180 3.08 -3.60 18.33
CA VAL A 180 2.43 -4.66 19.11
C VAL A 180 1.63 -5.57 18.20
N MET A 181 0.79 -4.99 17.33
CA MET A 181 -0.10 -5.80 16.51
C MET A 181 0.66 -6.58 15.45
N GLY A 182 1.73 -6.01 14.89
CA GLY A 182 2.54 -6.76 13.94
C GLY A 182 3.26 -7.93 14.59
N THR A 183 3.79 -7.74 15.81
CA THR A 183 4.40 -8.86 16.50
C THR A 183 3.37 -9.93 16.83
N ALA A 184 2.18 -9.52 17.29
CA ALA A 184 1.15 -10.50 17.64
C ALA A 184 0.69 -11.29 16.43
N ALA A 185 0.54 -10.63 15.27
CA ALA A 185 0.09 -11.32 14.06
C ALA A 185 1.06 -12.42 13.65
N ALA A 186 2.36 -12.24 13.92
CA ALA A 186 3.34 -13.25 13.55
C ALA A 186 3.11 -14.56 14.27
N PHE A 187 2.52 -14.51 15.47
CA PHE A 187 2.31 -15.70 16.29
C PHE A 187 0.84 -16.08 16.41
N ALA A 188 0.03 -15.70 15.43
CA ALA A 188 -1.39 -16.01 15.48
C ALA A 188 -1.59 -17.52 15.39
N PRO A 189 -2.43 -18.12 16.25
CA PRO A 189 -2.68 -19.57 16.15
C PRO A 189 -3.64 -19.95 15.04
N ALA A 190 -4.53 -19.05 14.63
CA ALA A 190 -5.57 -19.38 13.67
C ALA A 190 -5.73 -18.23 12.69
N PHE A 191 -6.34 -18.54 11.55
CA PHE A 191 -6.52 -17.54 10.50
C PHE A 191 -7.41 -16.37 10.93
N PRO A 192 -8.56 -16.57 11.58
CA PRO A 192 -9.36 -15.41 12.00
C PRO A 192 -8.61 -14.47 12.93
N VAL A 193 -7.78 -15.02 13.82
CA VAL A 193 -7.01 -14.19 14.73
C VAL A 193 -5.95 -13.40 13.96
N TYR A 194 -5.33 -14.03 12.96
CA TYR A 194 -4.41 -13.32 12.07
C TYR A 194 -5.11 -12.16 11.38
N CYS A 195 -6.32 -12.40 10.88
CA CYS A 195 -7.09 -11.33 10.24
C CYS A 195 -7.39 -10.20 11.21
N LEU A 196 -7.78 -10.55 12.44
CA LEU A 196 -8.07 -9.52 13.46
C LEU A 196 -6.83 -8.67 13.72
N PHE A 197 -5.68 -9.31 13.91
CA PHE A 197 -4.47 -8.55 14.22
C PHE A 197 -4.01 -7.72 13.03
N ARG A 198 -4.16 -8.22 11.80
CA ARG A 198 -3.83 -7.40 10.63
C ARG A 198 -4.75 -6.21 10.51
N PHE A 199 -6.04 -6.38 10.82
CA PHE A 199 -6.96 -5.26 10.82
C PHE A 199 -6.52 -4.19 11.82
N LEU A 200 -6.19 -4.61 13.04
CA LEU A 200 -5.79 -3.66 14.06
C LEU A 200 -4.44 -3.03 13.75
N LEU A 201 -3.60 -3.71 12.97
CA LEU A 201 -2.34 -3.11 12.52
C LEU A 201 -2.58 -2.03 11.47
N ALA A 202 -3.46 -2.31 10.51
CA ALA A 202 -3.81 -1.29 9.52
C ALA A 202 -4.45 -0.08 10.20
N PHE A 203 -5.20 -0.31 11.27
CA PHE A 203 -5.80 0.81 12.00
C PHE A 203 -4.73 1.82 12.41
N ALA A 204 -3.56 1.35 12.85
CA ALA A 204 -2.49 2.25 13.25
C ALA A 204 -1.70 2.75 12.04
N VAL A 205 -1.60 1.94 10.99
CA VAL A 205 -0.92 2.39 9.77
C VAL A 205 -1.56 3.66 9.25
N ALA A 206 -2.90 3.71 9.28
CA ALA A 206 -3.59 4.91 8.79
C ALA A 206 -3.19 6.15 9.58
N GLY A 207 -3.13 6.02 10.91
CA GLY A 207 -2.72 7.15 11.73
C GLY A 207 -1.29 7.59 11.45
N VAL A 208 -0.38 6.62 11.26
CA VAL A 208 1.00 6.97 10.96
C VAL A 208 1.06 7.77 9.67
N MET A 209 0.39 7.28 8.62
CA MET A 209 0.39 8.01 7.35
C MET A 209 -0.12 9.43 7.54
N MET A 210 -1.31 9.56 8.10
CA MET A 210 -1.95 10.87 8.17
C MET A 210 -1.15 11.85 9.02
N ASN A 211 -0.65 11.39 10.17
CA ASN A 211 0.04 12.30 11.07
C ASN A 211 1.45 12.63 10.58
N THR A 212 2.14 11.69 9.93
CA THR A 212 3.39 12.04 9.27
C THR A 212 3.16 13.15 8.25
N GLY A 213 2.18 12.95 7.37
CA GLY A 213 1.89 13.98 6.38
C GLY A 213 1.57 15.32 7.01
N THR A 214 0.67 15.32 8.00
CA THR A 214 0.25 16.57 8.62
C THR A 214 1.41 17.26 9.33
N LEU A 215 2.22 16.50 10.07
CA LEU A 215 3.29 17.08 10.87
C LEU A 215 4.39 17.65 10.00
N LEU A 216 4.64 17.06 8.83
CA LEU A 216 5.62 17.64 7.92
C LEU A 216 5.14 18.97 7.35
N MET A 217 3.84 19.09 7.05
CA MET A 217 3.32 20.33 6.48
C MET A 217 3.48 21.50 7.45
N GLU A 218 3.13 21.29 8.71
CA GLU A 218 2.98 22.40 9.65
C GLU A 218 4.32 22.98 10.11
N TRP A 219 5.41 22.24 9.97
CA TRP A 219 6.74 22.75 10.32
C TRP A 219 7.53 23.21 9.11
N THR A 220 6.92 23.23 7.92
CA THR A 220 7.60 23.54 6.67
C THR A 220 7.03 24.82 6.06
N ALA A 221 7.91 25.61 5.45
CA ALA A 221 7.48 26.80 4.73
C ALA A 221 6.60 26.41 3.55
N ALA A 222 5.69 27.32 3.17
CA ALA A 222 4.72 27.00 2.14
C ALA A 222 5.38 26.79 0.78
N ARG A 223 6.48 27.50 0.50
CA ARG A 223 7.13 27.36 -0.81
C ARG A 223 7.75 25.98 -0.97
N ALA A 224 8.30 25.41 0.10
CA ALA A 224 8.94 24.10 0.05
C ALA A 224 7.98 22.95 0.29
N ARG A 225 6.72 23.23 0.62
CA ARG A 225 5.79 22.16 0.99
C ARG A 225 5.66 21.08 -0.08
N PRO A 226 5.49 21.40 -1.36
CA PRO A 226 5.37 20.32 -2.37
C PRO A 226 6.59 19.40 -2.43
N LEU A 227 7.79 19.98 -2.33
CA LEU A 227 9.01 19.17 -2.37
C LEU A 227 9.08 18.22 -1.18
N VAL A 228 8.71 18.69 -0.01
CA VAL A 228 8.68 17.83 1.17
C VAL A 228 7.66 16.72 1.00
N MET A 229 6.50 17.04 0.43
CA MET A 229 5.52 15.99 0.13
C MET A 229 6.12 14.94 -0.80
N THR A 230 6.89 15.38 -1.80
CA THR A 230 7.48 14.44 -2.76
C THR A 230 8.52 13.53 -2.08
N LEU A 231 9.33 14.09 -1.18
CA LEU A 231 10.28 13.24 -0.45
C LEU A 231 9.56 12.25 0.45
N ASN A 232 8.51 12.70 1.13
CA ASN A 232 7.68 11.79 1.89
C ASN A 232 7.17 10.65 1.01
N SER A 233 6.84 10.97 -0.24
CA SER A 233 6.45 9.92 -1.19
C SER A 233 7.61 8.98 -1.52
N LEU A 234 8.82 9.52 -1.69
CA LEU A 234 9.98 8.68 -1.98
C LEU A 234 10.26 7.69 -0.86
N GLY A 235 9.78 7.97 0.35
CA GLY A 235 9.93 6.99 1.41
C GLY A 235 9.34 5.63 1.05
N PHE A 236 8.18 5.61 0.41
CA PHE A 236 7.58 4.34 -0.03
C PHE A 236 8.42 3.67 -1.10
N SER A 237 8.97 4.46 -2.02
CA SER A 237 9.83 3.91 -3.05
C SER A 237 10.97 3.13 -2.43
N PHE A 238 11.58 3.70 -1.38
CA PHE A 238 12.61 2.95 -0.66
C PHE A 238 12.03 1.75 0.09
N GLY A 239 10.80 1.86 0.60
CA GLY A 239 10.18 0.73 1.26
C GLY A 239 10.05 -0.49 0.36
N HIS A 240 9.82 -0.26 -0.94
CA HIS A 240 9.69 -1.39 -1.87
C HIS A 240 10.98 -2.23 -1.92
N GLY A 241 12.11 -1.57 -2.17
CA GLY A 241 13.38 -2.28 -2.19
C GLY A 241 13.73 -2.91 -0.86
N LEU A 242 13.39 -2.22 0.23
CA LEU A 242 13.58 -2.80 1.55
C LEU A 242 12.81 -4.12 1.69
N THR A 243 11.57 -4.14 1.22
CA THR A 243 10.78 -5.37 1.27
C THR A 243 11.45 -6.47 0.46
N ALA A 244 11.90 -6.13 -0.75
CA ALA A 244 12.55 -7.14 -1.59
C ALA A 244 13.76 -7.74 -0.89
N ALA A 245 14.61 -6.88 -0.30
CA ALA A 245 15.80 -7.39 0.38
C ALA A 245 15.45 -8.25 1.58
N VAL A 246 14.57 -7.76 2.45
CA VAL A 246 14.27 -8.51 3.67
C VAL A 246 13.62 -9.84 3.35
N ALA A 247 12.69 -9.86 2.38
CA ALA A 247 12.09 -11.12 1.99
C ALA A 247 13.11 -12.07 1.35
N TYR A 248 14.05 -11.54 0.57
CA TYR A 248 15.11 -12.38 0.03
C TYR A 248 15.92 -13.01 1.16
N GLY A 249 16.12 -12.27 2.25
CA GLY A 249 16.89 -12.81 3.37
C GLY A 249 16.09 -13.72 4.28
N VAL A 250 14.79 -13.49 4.41
CA VAL A 250 13.95 -14.18 5.38
C VAL A 250 12.83 -14.87 4.62
N ARG A 251 12.89 -16.20 4.52
CA ARG A 251 11.93 -16.99 3.78
C ARG A 251 10.81 -17.58 4.64
N ASP A 252 10.77 -17.26 5.94
CA ASP A 252 9.76 -17.76 6.85
C ASP A 252 8.81 -16.62 7.22
N TRP A 253 7.50 -16.88 7.11
CA TRP A 253 6.51 -15.81 7.23
C TRP A 253 6.46 -15.24 8.64
N THR A 254 6.55 -16.09 9.66
CA THR A 254 6.53 -15.60 11.04
C THR A 254 7.73 -14.71 11.31
N LEU A 255 8.93 -15.19 10.96
CA LEU A 255 10.14 -14.41 11.19
C LEU A 255 10.12 -13.12 10.38
N LEU A 256 9.62 -13.19 9.14
CA LEU A 256 9.53 -12.00 8.30
C LEU A 256 8.61 -10.95 8.94
N GLN A 257 7.43 -11.38 9.39
CA GLN A 257 6.50 -10.43 10.02
C GLN A 257 7.12 -9.84 11.28
N LEU A 258 7.75 -10.68 12.11
CA LEU A 258 8.37 -10.19 13.32
C LEU A 258 9.48 -9.19 13.01
N VAL A 259 10.29 -9.49 11.99
CA VAL A 259 11.40 -8.63 11.63
C VAL A 259 10.91 -7.27 11.14
N VAL A 260 9.87 -7.25 10.32
CA VAL A 260 9.37 -5.95 9.84
C VAL A 260 8.56 -5.22 10.89
N SER A 261 8.12 -5.90 11.95
CA SER A 261 7.38 -5.24 13.03
C SER A 261 8.28 -4.65 14.11
N VAL A 262 9.36 -5.35 14.46
CA VAL A 262 10.19 -4.91 15.59
C VAL A 262 10.69 -3.49 15.43
N PRO A 263 11.10 -3.03 14.25
CA PRO A 263 11.64 -1.66 14.16
C PRO A 263 10.73 -0.58 14.73
N PHE A 264 9.42 -0.81 14.79
CA PHE A 264 8.51 0.24 15.24
C PHE A 264 8.60 0.48 16.74
N PHE A 265 9.25 -0.40 17.50
CA PHE A 265 9.58 -0.05 18.88
C PHE A 265 10.62 1.06 18.94
N LEU A 266 11.53 1.09 17.97
CA LEU A 266 12.49 2.19 17.88
C LEU A 266 11.82 3.47 17.39
N CYS A 267 10.91 3.36 16.43
CA CYS A 267 10.14 4.52 15.99
C CYS A 267 9.32 5.09 17.14
N PHE A 268 8.71 4.21 17.95
CA PHE A 268 7.97 4.66 19.12
C PHE A 268 8.86 5.46 20.07
N LEU A 269 10.12 5.04 20.22
CA LEU A 269 10.98 5.66 21.22
C LEU A 269 11.44 7.05 20.80
N TYR A 270 11.82 7.23 19.55
CA TYR A 270 12.32 8.55 19.13
C TYR A 270 11.19 9.51 18.79
N SER A 271 9.94 9.05 18.76
CA SER A 271 8.82 9.97 18.55
C SER A 271 8.64 10.95 19.70
N TRP A 272 9.23 10.66 20.86
CA TRP A 272 9.09 11.55 22.01
C TRP A 272 9.93 12.81 21.89
N TRP A 273 11.02 12.77 21.13
CA TRP A 273 11.87 13.94 20.95
C TRP A 273 11.36 14.88 19.88
N LEU A 274 10.40 14.45 19.07
CA LEU A 274 9.83 15.33 18.07
C LEU A 274 8.92 16.37 18.75
N PRO A 275 8.92 17.61 18.26
CA PRO A 275 8.03 18.62 18.86
C PRO A 275 6.60 18.48 18.37
N GLU A 276 5.66 18.74 19.26
CA GLU A 276 4.26 18.82 18.87
C GLU A 276 4.05 20.05 17.99
N SER A 277 3.04 19.98 17.15
CA SER A 277 2.75 21.07 16.22
C SER A 277 2.47 22.36 16.98
N ALA A 278 3.19 23.42 16.65
CA ALA A 278 2.96 24.72 17.28
C ALA A 278 1.64 25.33 16.86
N ARG A 279 1.22 25.12 15.60
CA ARG A 279 -0.08 25.60 15.16
C ARG A 279 -1.19 25.00 16.02
N TRP A 280 -1.12 23.68 16.24
CA TRP A 280 -2.14 23.01 17.04
C TRP A 280 -2.14 23.52 18.47
N LEU A 281 -0.95 23.75 19.04
CA LEU A 281 -0.87 24.23 20.42
C LEU A 281 -1.43 25.64 20.54
N ILE A 282 -1.13 26.52 19.59
CA ILE A 282 -1.67 27.87 19.64
C ILE A 282 -3.18 27.84 19.47
N ILE A 283 -3.68 27.06 18.51
CA ILE A 283 -5.12 26.98 18.27
C ILE A 283 -5.84 26.45 19.50
N LYS A 284 -5.29 25.42 20.13
CA LYS A 284 -5.88 24.84 21.33
C LYS A 284 -5.65 25.67 22.58
N GLY A 285 -5.15 26.90 22.45
CA GLY A 285 -4.99 27.75 23.61
C GLY A 285 -3.94 27.27 24.59
N LYS A 286 -2.79 26.82 24.08
CA LYS A 286 -1.65 26.46 24.92
C LYS A 286 -0.43 27.19 24.42
N PRO A 287 -0.44 28.53 24.43
CA PRO A 287 0.70 29.28 23.87
C PRO A 287 2.00 29.06 24.63
N ASP A 288 1.95 28.81 25.93
CA ASP A 288 3.17 28.64 26.70
C ASP A 288 3.95 27.41 26.23
N GLN A 289 3.26 26.33 25.91
CA GLN A 289 3.93 25.14 25.38
C GLN A 289 4.39 25.35 23.94
N ALA A 290 3.60 26.08 23.15
CA ALA A 290 3.98 26.37 21.78
C ALA A 290 5.27 27.19 21.75
N LEU A 291 5.42 28.13 22.67
CA LEU A 291 6.66 28.89 22.77
C LEU A 291 7.85 27.98 23.04
N GLN A 292 7.68 27.02 23.96
CA GLN A 292 8.74 26.08 24.24
C GLN A 292 9.13 25.32 22.98
N GLU A 293 8.14 24.80 22.25
CA GLU A 293 8.42 24.03 21.05
C GLU A 293 9.12 24.89 19.99
N LEU A 294 8.65 26.11 19.80
CA LEU A 294 9.20 26.98 18.77
C LEU A 294 10.65 27.35 19.08
N ARG A 295 10.94 27.71 20.33
CA ARG A 295 12.32 28.06 20.66
C ARG A 295 13.21 26.82 20.67
N LYS A 296 12.65 25.64 20.94
CA LYS A 296 13.40 24.40 20.76
C LYS A 296 13.83 24.22 19.31
N VAL A 297 12.89 24.42 18.38
CA VAL A 297 13.21 24.30 16.96
C VAL A 297 14.24 25.35 16.56
N ALA A 298 14.06 26.59 17.03
CA ALA A 298 15.03 27.63 16.73
C ALA A 298 16.41 27.28 17.26
N ARG A 299 16.48 26.71 18.47
CA ARG A 299 17.76 26.28 19.01
C ARG A 299 18.41 25.24 18.12
N ILE A 300 17.62 24.29 17.62
CA ILE A 300 18.19 23.29 16.70
C ILE A 300 18.70 23.97 15.44
N ASN A 301 17.92 24.89 14.87
CA ASN A 301 18.32 25.59 13.66
C ASN A 301 19.45 26.59 13.88
N GLY A 302 19.72 26.96 15.14
CA GLY A 302 20.83 27.84 15.45
C GLY A 302 20.51 29.33 15.39
N HIS A 303 19.24 29.70 15.33
CA HIS A 303 18.88 31.12 15.25
C HIS A 303 18.95 31.78 16.63
N LYS A 304 19.26 33.07 16.62
CA LYS A 304 19.31 33.87 17.84
C LYS A 304 17.95 34.39 18.27
N GLU A 305 16.91 34.23 17.43
CA GLU A 305 15.63 34.88 17.69
C GLU A 305 14.91 34.35 18.92
N ALA A 306 15.43 33.31 19.58
CA ALA A 306 14.84 32.86 20.83
C ALA A 306 14.81 33.97 21.87
N LYS A 307 15.71 34.96 21.75
CA LYS A 307 15.70 36.11 22.65
C LYS A 307 14.56 37.07 22.36
N ASN A 308 13.91 36.95 21.21
CA ASN A 308 12.91 37.94 20.78
C ASN A 308 11.49 37.40 20.77
N LEU A 309 11.29 36.09 20.63
CA LEU A 309 9.94 35.53 20.61
C LEU A 309 9.28 35.70 21.98
N THR A 310 8.02 36.10 21.97
CA THR A 310 7.25 36.22 23.20
C THR A 310 5.80 35.86 22.89
N ILE A 311 5.06 35.55 23.96
CA ILE A 311 3.71 34.99 23.81
C ILE A 311 2.79 35.92 23.04
N GLU A 312 3.08 37.21 23.02
CA GLU A 312 2.16 38.16 22.41
C GLU A 312 2.03 37.94 20.90
N VAL A 313 3.15 37.79 20.19
CA VAL A 313 3.08 37.54 18.76
C VAL A 313 2.52 36.14 18.48
N LEU A 314 2.85 35.16 19.32
CA LEU A 314 2.27 33.83 19.16
C LEU A 314 0.75 33.88 19.22
N MET A 315 0.21 34.52 20.26
CA MET A 315 -1.23 34.55 20.47
C MET A 315 -1.95 35.25 19.32
N SER A 316 -1.45 36.41 18.90
CA SER A 316 -2.17 37.23 17.94
C SER A 316 -2.08 36.70 16.51
N SER A 317 -0.93 36.14 16.11
CA SER A 317 -0.70 35.86 14.71
C SER A 317 -1.68 34.82 14.15
N VAL A 318 -1.88 33.72 14.86
CA VAL A 318 -2.76 32.65 14.39
C VAL A 318 -4.23 32.94 14.68
N LYS A 319 -4.53 34.04 15.37
CA LYS A 319 -5.88 34.30 15.86
C LYS A 319 -6.93 34.25 14.76
N GLU A 320 -6.57 34.64 13.54
CA GLU A 320 -7.56 34.68 12.46
C GLU A 320 -8.11 33.29 12.17
N GLU A 321 -7.22 32.28 12.12
CA GLU A 321 -7.69 30.92 11.92
C GLU A 321 -8.47 30.41 13.13
N VAL A 322 -8.02 30.80 14.33
CA VAL A 322 -8.74 30.40 15.55
C VAL A 322 -10.19 30.89 15.48
N ALA A 323 -10.39 32.09 14.90
CA ALA A 323 -11.74 32.64 14.78
C ALA A 323 -12.52 31.99 13.65
N SER A 324 -11.92 31.89 12.45
CA SER A 324 -12.64 31.43 11.28
C SER A 324 -12.94 29.93 11.30
N ALA A 325 -12.12 29.14 12.00
CA ALA A 325 -12.29 27.69 12.01
C ALA A 325 -13.52 27.25 12.79
N LYS A 326 -14.19 28.15 13.50
CA LYS A 326 -15.35 27.78 14.29
C LYS A 326 -16.53 27.29 13.45
N GLU A 327 -16.53 27.60 12.15
CA GLU A 327 -17.61 27.13 11.28
C GLU A 327 -17.42 25.65 10.96
N PRO A 328 -18.39 24.78 11.26
CA PRO A 328 -18.33 23.41 10.74
C PRO A 328 -18.81 23.36 9.30
N ARG A 329 -18.02 22.71 8.43
CA ARG A 329 -18.37 22.57 7.03
C ARG A 329 -18.18 21.13 6.60
N SER A 330 -18.95 20.72 5.59
CA SER A 330 -19.23 19.31 5.34
C SER A 330 -19.02 18.99 3.87
N VAL A 331 -19.03 17.68 3.57
CA VAL A 331 -18.93 17.22 2.19
C VAL A 331 -20.13 17.68 1.38
N LEU A 332 -21.31 17.76 1.99
CA LEU A 332 -22.48 18.23 1.28
C LEU A 332 -22.28 19.64 0.73
N ASP A 333 -21.43 20.45 1.37
CA ASP A 333 -21.21 21.80 0.88
C ASP A 333 -20.53 21.78 -0.49
N LEU A 334 -19.61 20.84 -0.72
CA LEU A 334 -18.95 20.75 -2.01
C LEU A 334 -19.94 20.52 -3.14
N PHE A 335 -20.88 19.58 -2.93
CA PHE A 335 -21.81 19.19 -3.98
C PHE A 335 -22.99 20.13 -4.13
N CYS A 336 -23.17 21.09 -3.23
CA CYS A 336 -24.19 22.12 -3.43
C CYS A 336 -23.75 23.14 -4.48
N VAL A 337 -22.51 23.59 -4.40
CA VAL A 337 -22.01 24.65 -5.27
C VAL A 337 -21.87 24.10 -6.69
N PRO A 338 -22.56 24.66 -7.68
CA PRO A 338 -22.50 24.07 -9.04
C PRO A 338 -21.10 23.97 -9.60
N GLY A 339 -20.26 24.98 -9.40
CA GLY A 339 -18.93 24.97 -10.00
C GLY A 339 -18.01 23.93 -9.41
N LEU A 340 -18.06 23.76 -8.08
CA LEU A 340 -17.16 22.82 -7.42
C LEU A 340 -17.62 21.38 -7.61
N ARG A 341 -18.89 21.17 -7.95
CA ARG A 341 -19.41 19.81 -8.11
C ARG A 341 -18.62 19.02 -9.14
N PHE A 342 -18.36 19.63 -10.29
CA PHE A 342 -17.66 18.96 -11.38
C PHE A 342 -16.22 18.62 -11.00
N ARG A 343 -15.50 19.60 -10.46
CA ARG A 343 -14.14 19.35 -10.00
C ARG A 343 -14.11 18.25 -8.96
N THR A 344 -15.05 18.26 -8.02
CA THR A 344 -15.08 17.24 -6.98
C THR A 344 -15.29 15.86 -7.56
N CYS A 345 -16.23 15.73 -8.51
CA CYS A 345 -16.47 14.44 -9.13
C CYS A 345 -15.20 13.92 -9.79
N ILE A 346 -14.55 14.74 -10.61
CA ILE A 346 -13.39 14.24 -11.35
C ILE A 346 -12.22 13.96 -10.40
N SER A 347 -12.00 14.83 -9.41
CA SER A 347 -10.91 14.63 -8.47
C SER A 347 -11.10 13.35 -7.66
N THR A 348 -12.32 13.11 -7.17
CA THR A 348 -12.58 11.88 -6.42
C THR A 348 -12.43 10.66 -7.31
N LEU A 349 -12.83 10.76 -8.58
CA LEU A 349 -12.62 9.65 -9.49
C LEU A 349 -11.14 9.34 -9.66
N CYS A 350 -10.30 10.37 -9.77
CA CYS A 350 -8.86 10.12 -9.90
C CYS A 350 -8.27 9.52 -8.64
N TRP A 351 -8.70 9.98 -7.47
CA TRP A 351 -8.23 9.37 -6.22
C TRP A 351 -8.61 7.89 -6.17
N PHE A 352 -9.87 7.59 -6.50
CA PHE A 352 -10.34 6.22 -6.49
C PHE A 352 -9.54 5.37 -7.47
N ALA A 353 -9.27 5.90 -8.65
CA ALA A 353 -8.49 5.16 -9.63
C ALA A 353 -7.10 4.85 -9.10
N PHE A 354 -6.43 5.84 -8.50
CA PHE A 354 -5.11 5.57 -7.94
C PHE A 354 -5.18 4.42 -6.93
N GLY A 355 -6.04 4.54 -5.93
CA GLY A 355 -6.06 3.52 -4.90
C GLY A 355 -6.41 2.15 -5.44
N PHE A 356 -7.49 2.09 -6.23
CA PHE A 356 -7.94 0.81 -6.78
C PHE A 356 -6.83 0.15 -7.59
N THR A 357 -6.26 0.88 -8.55
CA THR A 357 -5.26 0.27 -9.44
C THR A 357 -4.01 -0.14 -8.67
N PHE A 358 -3.50 0.73 -7.81
CA PHE A 358 -2.25 0.42 -7.13
C PHE A 358 -2.40 -0.81 -6.25
N PHE A 359 -3.45 -0.85 -5.42
CA PHE A 359 -3.55 -1.99 -4.52
C PHE A 359 -4.12 -3.23 -5.20
N GLY A 360 -4.73 -3.09 -6.38
CA GLY A 360 -5.04 -4.27 -7.17
C GLY A 360 -3.80 -4.93 -7.74
N LEU A 361 -2.92 -4.13 -8.36
CA LEU A 361 -1.77 -4.68 -9.07
C LEU A 361 -0.62 -5.05 -8.12
N ALA A 362 -0.33 -4.20 -7.14
CA ALA A 362 0.89 -4.35 -6.36
C ALA A 362 0.87 -5.56 -5.45
N LEU A 363 -0.30 -6.08 -5.11
CA LEU A 363 -0.41 -7.16 -4.15
C LEU A 363 -0.50 -8.54 -4.80
N ASP A 364 -0.41 -8.62 -6.12
CA ASP A 364 -0.36 -9.90 -6.83
C ASP A 364 0.74 -9.89 -7.87
N LEU A 365 1.95 -9.47 -7.46
CA LEU A 365 3.08 -9.46 -8.38
C LEU A 365 3.33 -10.83 -8.97
N GLN A 366 2.91 -11.88 -8.28
CA GLN A 366 3.15 -13.24 -8.77
C GLN A 366 2.53 -13.45 -10.14
N ALA A 367 1.47 -12.71 -10.47
CA ALA A 367 0.82 -12.84 -11.77
C ALA A 367 1.50 -12.02 -12.86
N LEU A 368 2.31 -11.03 -12.50
CA LEU A 368 2.89 -10.12 -13.48
C LEU A 368 4.25 -10.55 -14.01
N GLY A 369 4.94 -11.44 -13.30
CA GLY A 369 6.29 -11.80 -13.72
C GLY A 369 6.75 -13.07 -13.01
N SER A 370 7.96 -13.49 -13.36
CA SER A 370 8.48 -14.78 -12.92
C SER A 370 9.19 -14.68 -11.57
N ASN A 371 9.92 -13.60 -11.32
CA ASN A 371 10.72 -13.42 -10.11
C ASN A 371 10.17 -12.22 -9.35
N ILE A 372 9.49 -12.49 -8.24
CA ILE A 372 8.81 -11.43 -7.50
C ILE A 372 9.77 -10.62 -6.64
N PHE A 373 10.89 -11.17 -6.22
CA PHE A 373 11.89 -10.37 -5.50
C PHE A 373 12.42 -9.26 -6.39
N LEU A 374 12.84 -9.63 -7.60
CA LEU A 374 13.38 -8.66 -8.55
C LEU A 374 12.33 -7.65 -8.98
N LEU A 375 11.10 -8.12 -9.20
CA LEU A 375 10.01 -7.23 -9.59
C LEU A 375 9.70 -6.23 -8.48
N GLN A 376 9.66 -6.70 -7.24
CA GLN A 376 9.44 -5.80 -6.10
C GLN A 376 10.53 -4.76 -6.01
N MET A 377 11.79 -5.17 -6.20
CA MET A 377 12.89 -4.21 -6.18
C MET A 377 12.74 -3.17 -7.29
N PHE A 378 12.46 -3.63 -8.52
CA PHE A 378 12.40 -2.73 -9.66
C PHE A 378 11.21 -1.79 -9.58
N ILE A 379 10.14 -2.16 -8.87
CA ILE A 379 9.06 -1.21 -8.68
C ILE A 379 9.57 0.06 -8.01
N GLY A 380 10.36 -0.08 -6.94
CA GLY A 380 10.95 1.09 -6.30
C GLY A 380 12.00 1.76 -7.17
N VAL A 381 12.83 0.97 -7.85
CA VAL A 381 13.87 1.55 -8.70
C VAL A 381 13.23 2.49 -9.71
N VAL A 382 12.11 2.09 -10.31
CA VAL A 382 11.43 2.94 -11.28
C VAL A 382 10.57 4.01 -10.59
N ASP A 383 10.08 3.74 -9.38
CA ASP A 383 9.23 4.70 -8.70
C ASP A 383 9.97 5.98 -8.32
N ILE A 384 11.24 5.86 -7.94
CA ILE A 384 12.01 7.03 -7.53
C ILE A 384 12.05 8.05 -8.67
N PRO A 385 12.64 7.71 -9.83
CA PRO A 385 12.71 8.69 -10.92
C PRO A 385 11.35 9.11 -11.43
N ALA A 386 10.37 8.22 -11.39
CA ALA A 386 9.02 8.58 -11.83
C ALA A 386 8.45 9.70 -10.98
N LYS A 387 8.58 9.60 -9.66
CA LYS A 387 8.05 10.63 -8.78
C LYS A 387 8.82 11.95 -8.92
N MET A 388 10.14 11.89 -8.99
CA MET A 388 10.89 13.14 -9.13
C MET A 388 10.59 13.81 -10.47
N GLY A 389 10.52 13.04 -11.55
CA GLY A 389 10.16 13.61 -12.84
C GLY A 389 8.74 14.13 -12.86
N ALA A 390 7.83 13.49 -12.12
CA ALA A 390 6.48 14.01 -12.00
C ALA A 390 6.50 15.39 -11.36
N LEU A 391 7.29 15.56 -10.29
CA LEU A 391 7.41 16.89 -9.69
C LEU A 391 7.93 17.89 -10.71
N LEU A 392 9.02 17.55 -11.41
CA LEU A 392 9.59 18.47 -12.40
C LEU A 392 8.57 18.82 -13.47
N LEU A 393 7.93 17.82 -14.05
CA LEU A 393 7.00 18.05 -15.16
C LEU A 393 5.84 18.93 -14.72
N LEU A 394 5.23 18.61 -13.57
CA LEU A 394 4.08 19.39 -13.14
C LEU A 394 4.49 20.81 -12.75
N SER A 395 5.75 21.04 -12.37
CA SER A 395 6.20 22.40 -12.16
C SER A 395 6.54 23.11 -13.47
N HIS A 396 6.82 22.38 -14.54
CA HIS A 396 7.18 22.99 -15.82
C HIS A 396 6.11 22.89 -16.90
N LEU A 397 5.38 21.78 -16.98
CA LEU A 397 4.36 21.62 -18.01
C LEU A 397 2.93 21.76 -17.50
N GLY A 398 2.72 21.73 -16.19
CA GLY A 398 1.40 21.93 -15.63
C GLY A 398 0.87 20.67 -14.96
N ARG A 399 -0.15 20.88 -14.12
CA ARG A 399 -0.73 19.77 -13.36
C ARG A 399 -1.62 18.90 -14.22
N ARG A 400 -2.46 19.52 -15.05
CA ARG A 400 -3.42 18.77 -15.84
C ARG A 400 -2.76 17.81 -16.81
N PRO A 401 -1.86 18.24 -17.71
CA PRO A 401 -1.24 17.26 -18.62
C PRO A 401 -0.45 16.21 -17.88
N THR A 402 0.22 16.57 -16.79
CA THR A 402 1.05 15.60 -16.09
C THR A 402 0.20 14.49 -15.48
N LEU A 403 -0.87 14.87 -14.78
CA LEU A 403 -1.75 13.87 -14.19
C LEU A 403 -2.39 13.00 -15.26
N ALA A 404 -2.93 13.63 -16.31
CA ALA A 404 -3.61 12.87 -17.36
C ALA A 404 -2.65 11.90 -18.03
N ALA A 405 -1.45 12.37 -18.39
CA ALA A 405 -0.48 11.52 -19.06
C ALA A 405 -0.02 10.39 -18.15
N SER A 406 0.20 10.66 -16.87
CA SER A 406 0.61 9.60 -15.96
C SER A 406 -0.44 8.50 -15.88
N LEU A 407 -1.71 8.88 -15.69
CA LEU A 407 -2.76 7.88 -15.58
C LEU A 407 -2.92 7.10 -16.87
N LEU A 408 -2.90 7.80 -18.01
CA LEU A 408 -3.04 7.13 -19.30
C LEU A 408 -1.89 6.16 -19.54
N LEU A 409 -0.66 6.57 -19.22
CA LEU A 409 0.49 5.69 -19.38
C LEU A 409 0.34 4.44 -18.55
N ALA A 410 -0.03 4.60 -17.28
CA ALA A 410 -0.20 3.44 -16.41
C ALA A 410 -1.27 2.49 -16.98
N GLY A 411 -2.42 3.04 -17.36
CA GLY A 411 -3.49 2.19 -17.87
C GLY A 411 -3.11 1.48 -19.16
N LEU A 412 -2.47 2.19 -20.08
CA LEU A 412 -2.09 1.59 -21.34
C LEU A 412 -1.02 0.52 -21.16
N CYS A 413 -0.06 0.76 -20.27
CA CYS A 413 0.95 -0.26 -20.00
C CYS A 413 0.33 -1.51 -19.38
N ILE A 414 -0.62 -1.34 -18.46
CA ILE A 414 -1.23 -2.51 -17.83
C ILE A 414 -2.09 -3.26 -18.84
N LEU A 415 -2.82 -2.54 -19.70
CA LEU A 415 -3.63 -3.23 -20.72
C LEU A 415 -2.75 -4.03 -21.67
N ALA A 416 -1.59 -3.49 -22.05
CA ALA A 416 -0.69 -4.21 -22.93
C ALA A 416 -0.21 -5.51 -22.29
N ASN A 417 0.00 -5.52 -20.97
CA ASN A 417 0.48 -6.73 -20.30
C ASN A 417 -0.42 -7.92 -20.57
N THR A 418 -1.73 -7.69 -20.72
CA THR A 418 -2.63 -8.78 -21.06
C THR A 418 -2.49 -9.21 -22.51
N LEU A 419 -2.09 -8.28 -23.39
CA LEU A 419 -1.98 -8.54 -24.81
C LEU A 419 -0.71 -9.30 -25.18
N VAL A 420 0.37 -9.11 -24.43
CA VAL A 420 1.65 -9.75 -24.76
C VAL A 420 1.56 -11.25 -24.48
N PRO A 421 2.17 -12.10 -25.32
CA PRO A 421 2.12 -13.54 -25.05
C PRO A 421 2.73 -13.89 -23.69
N HIS A 422 2.18 -14.95 -23.08
CA HIS A 422 2.62 -15.31 -21.74
C HIS A 422 4.10 -15.70 -21.71
N GLU A 423 4.62 -16.28 -22.81
CA GLU A 423 5.98 -16.79 -22.80
C GLU A 423 7.02 -15.68 -22.70
N MET A 424 6.69 -14.46 -23.13
CA MET A 424 7.61 -13.32 -23.04
C MET A 424 7.50 -12.65 -21.67
N GLY A 425 7.96 -13.38 -20.64
CA GLY A 425 7.85 -12.89 -19.28
C GLY A 425 8.63 -11.61 -19.03
N ALA A 426 9.75 -11.43 -19.73
CA ALA A 426 10.57 -10.23 -19.53
C ALA A 426 9.80 -8.99 -19.93
N LEU A 427 9.21 -9.00 -21.13
CA LEU A 427 8.46 -7.84 -21.61
C LEU A 427 7.27 -7.54 -20.70
N ARG A 428 6.54 -8.58 -20.29
CA ARG A 428 5.41 -8.38 -19.39
C ARG A 428 5.86 -7.77 -18.07
N SER A 429 6.98 -8.25 -17.52
CA SER A 429 7.48 -7.70 -16.27
C SER A 429 7.84 -6.24 -16.43
N ALA A 430 8.51 -5.89 -17.54
CA ALA A 430 8.85 -4.49 -17.79
C ALA A 430 7.60 -3.63 -17.89
N LEU A 431 6.58 -4.11 -18.59
CA LEU A 431 5.34 -3.35 -18.72
C LEU A 431 4.67 -3.15 -17.37
N ALA A 432 4.67 -4.18 -16.52
CA ALA A 432 4.10 -4.06 -15.20
C ALA A 432 4.84 -3.01 -14.37
N VAL A 433 6.18 -3.03 -14.43
CA VAL A 433 6.97 -2.06 -13.67
C VAL A 433 6.64 -0.64 -14.14
N LEU A 434 6.57 -0.43 -15.45
CA LEU A 434 6.27 0.89 -15.98
C LEU A 434 4.88 1.35 -15.57
N GLY A 435 3.90 0.44 -15.61
CA GLY A 435 2.56 0.81 -15.15
C GLY A 435 2.54 1.27 -13.72
N LEU A 436 3.21 0.54 -12.83
CA LEU A 436 3.22 0.93 -11.43
C LEU A 436 3.98 2.24 -11.20
N GLY A 437 5.05 2.46 -11.96
CA GLY A 437 5.71 3.76 -11.88
C GLY A 437 4.80 4.89 -12.30
N GLY A 438 4.02 4.68 -13.37
CA GLY A 438 3.05 5.68 -13.76
C GLY A 438 2.02 5.93 -12.67
N VAL A 439 1.60 4.86 -11.97
CA VAL A 439 0.65 5.03 -10.88
C VAL A 439 1.25 5.87 -9.75
N GLY A 440 2.52 5.65 -9.43
CA GLY A 440 3.15 6.46 -8.38
C GLY A 440 3.26 7.92 -8.78
N ALA A 441 3.63 8.19 -10.04
CA ALA A 441 3.66 9.56 -10.51
C ALA A 441 2.27 10.19 -10.44
N ALA A 442 1.24 9.42 -10.78
CA ALA A 442 -0.13 9.92 -10.67
C ALA A 442 -0.50 10.22 -9.23
N PHE A 443 -0.03 9.41 -8.28
CA PHE A 443 -0.27 9.70 -6.87
C PHE A 443 0.34 11.04 -6.49
N THR A 444 1.58 11.29 -6.91
CA THR A 444 2.18 12.59 -6.62
C THR A 444 1.38 13.72 -7.24
N CYS A 445 1.02 13.56 -8.51
CA CYS A 445 0.33 14.62 -9.23
C CYS A 445 -1.01 14.93 -8.59
N ILE A 446 -1.77 13.90 -8.21
CA ILE A 446 -3.07 14.14 -7.59
C ILE A 446 -2.91 14.77 -6.22
N THR A 447 -1.90 14.35 -5.45
CA THR A 447 -1.71 14.94 -4.13
C THR A 447 -1.49 16.44 -4.24
N ILE A 448 -0.63 16.87 -5.17
CA ILE A 448 -0.36 18.29 -5.31
C ILE A 448 -1.55 19.01 -5.96
N TYR A 449 -2.15 18.39 -6.96
CA TYR A 449 -3.19 19.03 -7.77
C TYR A 449 -4.46 19.27 -6.97
N SER A 450 -4.85 18.29 -6.13
CA SER A 450 -6.12 18.39 -5.43
C SER A 450 -6.14 19.56 -4.46
N SER A 451 -5.00 19.89 -3.85
CA SER A 451 -4.94 21.03 -2.95
C SER A 451 -5.24 22.33 -3.68
N GLU A 452 -4.81 22.43 -4.94
CA GLU A 452 -4.91 23.68 -5.69
C GLU A 452 -6.26 23.87 -6.37
N LEU A 453 -7.08 22.83 -6.45
CA LEU A 453 -8.34 22.92 -7.19
C LEU A 453 -9.48 23.55 -6.41
N PHE A 454 -9.36 23.65 -5.09
CA PHE A 454 -10.48 24.06 -4.27
C PHE A 454 -10.18 25.32 -3.48
N PRO A 455 -11.19 26.13 -3.17
CA PRO A 455 -10.95 27.31 -2.33
C PRO A 455 -10.47 26.91 -0.95
N THR A 456 -9.71 27.80 -0.33
CA THR A 456 -9.03 27.46 0.92
C THR A 456 -10.00 26.91 1.97
N VAL A 457 -11.24 27.43 2.03
CA VAL A 457 -12.16 26.99 3.07
C VAL A 457 -12.53 25.52 2.87
N LEU A 458 -12.73 25.09 1.63
CA LEU A 458 -13.14 23.74 1.31
C LEU A 458 -11.99 22.84 0.87
N ARG A 459 -10.75 23.31 0.96
CA ARG A 459 -9.62 22.52 0.49
C ARG A 459 -9.51 21.20 1.25
N MET A 460 -9.46 21.27 2.59
CA MET A 460 -9.23 20.08 3.39
C MET A 460 -10.37 19.09 3.26
N THR A 461 -11.61 19.58 3.19
CA THR A 461 -12.74 18.67 3.05
C THR A 461 -12.65 17.88 1.76
N ALA A 462 -12.34 18.55 0.65
CA ALA A 462 -12.23 17.86 -0.63
C ALA A 462 -11.06 16.87 -0.64
N VAL A 463 -9.93 17.26 -0.05
CA VAL A 463 -8.79 16.33 0.00
C VAL A 463 -9.13 15.11 0.84
N GLY A 464 -9.80 15.31 1.97
CA GLY A 464 -10.23 14.18 2.78
C GLY A 464 -11.18 13.26 2.04
N LEU A 465 -12.15 13.84 1.33
CA LEU A 465 -13.06 13.03 0.53
C LEU A 465 -12.29 12.21 -0.50
N GLY A 466 -11.32 12.84 -1.18
CA GLY A 466 -10.54 12.10 -2.14
C GLY A 466 -9.75 10.96 -1.53
N GLN A 467 -9.12 11.21 -0.38
CA GLN A 467 -8.36 10.17 0.30
C GLN A 467 -9.26 9.01 0.72
N MET A 468 -10.46 9.32 1.23
CA MET A 468 -11.41 8.28 1.59
C MET A 468 -11.84 7.48 0.37
N ALA A 469 -12.00 8.16 -0.77
CA ALA A 469 -12.34 7.45 -2.01
C ALA A 469 -11.23 6.50 -2.41
N ALA A 470 -9.97 6.95 -2.33
CA ALA A 470 -8.84 6.09 -2.65
C ALA A 470 -8.78 4.87 -1.74
N ARG A 471 -8.98 5.09 -0.44
CA ARG A 471 -8.90 3.98 0.51
C ARG A 471 -10.09 3.03 0.36
N GLY A 472 -11.25 3.55 -0.06
CA GLY A 472 -12.36 2.68 -0.40
C GLY A 472 -12.08 1.83 -1.61
N GLY A 473 -11.50 2.41 -2.66
CA GLY A 473 -11.17 1.64 -3.85
C GLY A 473 -10.10 0.60 -3.58
N ALA A 474 -9.17 0.90 -2.68
CA ALA A 474 -8.16 -0.08 -2.32
C ALA A 474 -8.81 -1.38 -1.83
N ILE A 475 -9.92 -1.28 -1.11
CA ILE A 475 -10.62 -2.47 -0.62
C ILE A 475 -11.12 -3.31 -1.79
N LEU A 476 -11.74 -2.67 -2.79
CA LEU A 476 -12.22 -3.40 -3.96
C LEU A 476 -11.07 -3.94 -4.79
N GLY A 477 -9.86 -3.39 -4.65
CA GLY A 477 -8.72 -3.85 -5.40
C GLY A 477 -8.55 -5.35 -5.36
N PRO A 478 -8.24 -5.90 -4.17
CA PRO A 478 -8.03 -7.36 -4.07
C PRO A 478 -9.24 -8.20 -4.47
N LEU A 479 -10.45 -7.75 -4.17
CA LEU A 479 -11.63 -8.55 -4.47
C LEU A 479 -11.78 -8.83 -5.96
N VAL A 480 -11.31 -7.90 -6.80
CA VAL A 480 -11.44 -8.07 -8.25
C VAL A 480 -10.65 -9.26 -8.76
N ARG A 481 -9.61 -9.69 -8.04
CA ARG A 481 -8.84 -10.85 -8.47
C ARG A 481 -9.68 -12.11 -8.48
N LEU A 482 -10.78 -12.15 -7.72
CA LEU A 482 -11.65 -13.33 -7.72
C LEU A 482 -12.28 -13.57 -9.09
N LEU A 483 -12.24 -12.57 -9.98
CA LEU A 483 -12.68 -12.77 -11.36
C LEU A 483 -11.73 -13.67 -12.15
N GLY A 484 -10.56 -13.99 -11.60
CA GLY A 484 -9.61 -14.86 -12.29
C GLY A 484 -10.15 -16.24 -12.61
N VAL A 485 -11.27 -16.64 -12.01
CA VAL A 485 -11.89 -17.91 -12.37
C VAL A 485 -12.19 -17.95 -13.86
N HIS A 486 -12.56 -16.81 -14.44
CA HIS A 486 -12.87 -16.72 -15.86
C HIS A 486 -11.66 -16.41 -16.72
N GLY A 487 -10.46 -16.52 -16.16
CA GLY A 487 -9.24 -16.22 -16.87
C GLY A 487 -8.45 -15.12 -16.20
N PRO A 488 -7.11 -15.24 -16.18
CA PRO A 488 -6.29 -14.25 -15.49
C PRO A 488 -6.29 -12.88 -16.15
N TRP A 489 -6.79 -12.79 -17.39
CA TRP A 489 -6.75 -11.54 -18.12
C TRP A 489 -7.82 -10.56 -17.64
N LEU A 490 -8.92 -11.05 -17.09
CA LEU A 490 -10.04 -10.19 -16.73
C LEU A 490 -9.71 -9.22 -15.60
N PRO A 491 -9.09 -9.66 -14.51
CA PRO A 491 -8.68 -8.70 -13.47
C PRO A 491 -7.76 -7.61 -14.01
N LEU A 492 -6.79 -7.98 -14.85
CA LEU A 492 -5.91 -6.99 -15.45
C LEU A 492 -6.66 -6.07 -16.39
N LEU A 493 -7.65 -6.60 -17.11
CA LEU A 493 -8.48 -5.77 -17.97
C LEU A 493 -9.18 -4.70 -17.16
N VAL A 494 -9.74 -5.07 -16.00
CA VAL A 494 -10.41 -4.09 -15.15
C VAL A 494 -9.40 -3.08 -14.60
N TYR A 495 -8.27 -3.58 -14.09
CA TYR A 495 -7.26 -2.71 -13.51
C TYR A 495 -6.72 -1.71 -14.52
N GLY A 496 -6.65 -2.10 -15.79
CA GLY A 496 -6.19 -1.21 -16.83
C GLY A 496 -7.27 -0.26 -17.33
N THR A 497 -8.51 -0.74 -17.37
CA THR A 497 -9.60 0.11 -17.84
C THR A 497 -9.83 1.29 -16.90
N VAL A 498 -9.84 1.03 -15.59
CA VAL A 498 -10.17 2.11 -14.65
C VAL A 498 -9.24 3.31 -14.82
N PRO A 499 -7.91 3.17 -14.78
CA PRO A 499 -7.05 4.34 -14.91
C PRO A 499 -7.17 5.05 -16.25
N VAL A 500 -7.44 4.33 -17.34
CA VAL A 500 -7.61 4.97 -18.64
C VAL A 500 -8.79 5.92 -18.60
N LEU A 501 -9.94 5.44 -18.10
CA LEU A 501 -11.13 6.26 -18.04
C LEU A 501 -10.95 7.43 -17.08
N SER A 502 -10.31 7.21 -15.94
CA SER A 502 -10.12 8.32 -15.01
C SER A 502 -9.13 9.34 -15.54
N GLY A 503 -8.10 8.89 -16.27
CA GLY A 503 -7.14 9.82 -16.85
C GLY A 503 -7.75 10.65 -17.96
N LEU A 504 -8.60 10.04 -18.79
CA LEU A 504 -9.30 10.83 -19.80
C LEU A 504 -10.17 11.89 -19.15
N ALA A 505 -10.80 11.56 -18.03
CA ALA A 505 -11.64 12.53 -17.33
C ALA A 505 -10.81 13.68 -16.79
N ALA A 506 -9.58 13.39 -16.32
CA ALA A 506 -8.73 14.45 -15.77
C ALA A 506 -8.43 15.54 -16.78
N LEU A 507 -8.51 15.26 -18.08
CA LEU A 507 -8.31 16.28 -19.10
C LEU A 507 -9.37 17.37 -19.03
N LEU A 508 -10.48 17.13 -18.34
CA LEU A 508 -11.56 18.09 -18.21
C LEU A 508 -11.40 19.00 -17.01
N LEU A 509 -10.33 18.86 -16.23
CA LEU A 509 -10.08 19.74 -15.09
C LEU A 509 -9.42 21.04 -15.55
N PRO A 510 -9.62 22.13 -14.80
CA PRO A 510 -8.92 23.38 -15.11
C PRO A 510 -7.47 23.35 -14.65
N GLU A 511 -6.64 24.15 -15.31
CA GLU A 511 -5.24 24.26 -14.96
C GLU A 511 -5.05 25.26 -13.82
N THR A 512 -4.21 24.88 -12.85
CA THR A 512 -3.97 25.71 -11.67
C THR A 512 -2.56 26.30 -11.64
N GLN A 513 -1.75 26.08 -12.67
CA GLN A 513 -0.42 26.67 -12.73
C GLN A 513 -0.52 28.19 -12.94
N SER A 514 0.29 28.92 -12.19
CA SER A 514 0.30 30.39 -12.30
C SER A 514 0.91 30.81 -13.62
N LEU A 515 0.42 31.93 -14.14
CA LEU A 515 0.93 32.48 -15.39
C LEU A 515 2.25 33.21 -15.17
#